data_6DFC
#
_entry.id   6DFC
#
_cell.length_a   44.240
_cell.length_b   184.451
_cell.length_c   104.705
_cell.angle_alpha   90.00
_cell.angle_beta   90.00
_cell.angle_gamma   90.00
#
_symmetry.space_group_name_H-M   'C 2 2 2'
#
loop_
_entity.id
_entity.type
_entity.pdbx_description
1 polymer 'Transcriptional regulator Kaiso'
2 polymer "DNA (5'-D(*TP*GP*CP*TP*TP*CP*UP*TP*GP*CP*CP*AP*AP*TP*AP*AP*CP*G)-3')"
3 polymer "DNA (5'-D(*CP*GP*TP*TP*AP*TP*TP*GP*GP*CP*AP*AP*GP*AP*AP*GP*CP*A)-3')"
4 non-polymer 'ZINC ION'
5 non-polymer 'CHLORIDE ION'
6 water water
#
loop_
_entity_poly.entity_id
_entity_poly.type
_entity_poly.pdbx_seq_one_letter_code
_entity_poly.pdbx_strand_id
1 'polypeptide(L)'
;MANKRMKVKHDDHYELIVDGRVYYICIVCKRSYVCLTSLRRHFNIHSWEKKYPCRYCEKVFPLAEYRTKHEIHHTGERRY
QCLACGKSFINYQFMSSHIKSVHSQDPSGDSKLYRLHPCRSLQIRQYAYLSDRS
;
A
2 'polydeoxyribonucleotide' (DT)(DG)(DC)(DT)(DT)(DC)(DU)(DT)(DG)(DC)(DC)(DA)(DA)(DT)(DA)(DA)(DC)(DG) D
3 'polydeoxyribonucleotide' (DC)(DG)(DT)(DT)(DA)(DT)(DT)(DG)(DG)(DC)(DA)(DA)(DG)(DA)(DA)(DG)(DC)(DA) E
#
# COMPACT_ATOMS: atom_id res chain seq x y z
N ASP A 11 -19.49 -16.43 9.05
CA ASP A 11 -19.95 -16.33 7.67
C ASP A 11 -19.84 -14.93 7.01
N ASP A 12 -18.61 -14.52 6.78
CA ASP A 12 -18.35 -13.34 5.98
C ASP A 12 -17.88 -13.77 4.60
N HIS A 13 -17.87 -15.08 4.35
CA HIS A 13 -17.35 -15.60 3.10
C HIS A 13 -17.87 -17.00 2.80
N TYR A 14 -17.68 -17.43 1.57
CA TYR A 14 -17.83 -18.84 1.23
C TYR A 14 -16.59 -19.21 0.43
N GLU A 15 -16.37 -20.51 0.24
CA GLU A 15 -15.18 -20.97 -0.46
C GLU A 15 -15.50 -21.59 -1.81
N LEU A 16 -14.70 -21.22 -2.80
CA LEU A 16 -14.69 -21.85 -4.12
C LEU A 16 -13.42 -22.68 -4.21
N ILE A 17 -13.54 -23.92 -4.67
CA ILE A 17 -12.35 -24.70 -4.95
C ILE A 17 -12.36 -25.15 -6.40
N VAL A 18 -11.36 -24.69 -7.14
CA VAL A 18 -11.21 -25.03 -8.55
C VAL A 18 -9.80 -25.53 -8.81
N ASP A 19 -9.70 -26.71 -9.40
CA ASP A 19 -8.42 -27.35 -9.69
C ASP A 19 -7.58 -27.49 -8.43
N GLY A 20 -8.25 -27.67 -7.30
CA GLY A 20 -7.57 -27.84 -6.03
C GLY A 20 -7.23 -26.51 -5.39
N ARG A 21 -7.26 -25.43 -6.17
CA ARG A 21 -6.97 -24.09 -5.65
C ARG A 21 -8.15 -23.57 -4.83
N VAL A 22 -7.88 -23.23 -3.57
CA VAL A 22 -8.93 -22.68 -2.71
C VAL A 22 -9.04 -21.17 -2.87
N TYR A 23 -10.26 -20.68 -3.05
CA TYR A 23 -10.51 -19.25 -3.07
C TYR A 23 -11.54 -18.87 -2.02
N TYR A 24 -11.40 -17.67 -1.47
CA TYR A 24 -12.34 -17.14 -0.50
C TYR A 24 -13.13 -15.99 -1.09
N ILE A 25 -14.44 -16.12 -1.05
CA ILE A 25 -15.35 -15.19 -1.70
C ILE A 25 -16.11 -14.33 -0.71
N CYS A 26 -16.01 -13.02 -0.86
CA CYS A 26 -16.81 -12.12 -0.05
C CYS A 26 -18.30 -12.31 -0.30
N ILE A 27 -19.08 -12.55 0.75
CA ILE A 27 -20.51 -12.80 0.58
C ILE A 27 -21.23 -11.55 0.07
N VAL A 28 -20.66 -10.37 0.31
CA VAL A 28 -21.36 -9.14 -0.02
C VAL A 28 -21.14 -8.70 -1.46
N CYS A 29 -19.88 -8.60 -1.88
CA CYS A 29 -19.55 -8.11 -3.22
C CYS A 29 -18.99 -9.19 -4.16
N LYS A 30 -18.77 -10.38 -3.62
CA LYS A 30 -18.29 -11.56 -4.38
C LYS A 30 -16.84 -11.47 -4.87
N ARG A 31 -16.02 -10.59 -4.31
CA ARG A 31 -14.61 -10.55 -4.69
C ARG A 31 -13.90 -11.80 -4.18
N SER A 32 -12.92 -12.30 -4.94
CA SER A 32 -12.20 -13.51 -4.55
C SER A 32 -10.81 -13.23 -3.99
N TYR A 33 -10.42 -14.05 -3.02
CA TYR A 33 -9.17 -13.86 -2.33
C TYR A 33 -8.47 -15.20 -2.12
N VAL A 34 -7.16 -15.18 -2.32
CA VAL A 34 -6.29 -16.33 -2.12
C VAL A 34 -6.04 -16.53 -0.63
N CYS A 35 -5.97 -15.42 0.11
CA CYS A 35 -5.72 -15.43 1.55
C CYS A 35 -7.01 -15.09 2.28
N LEU A 36 -7.34 -15.84 3.32
CA LEU A 36 -8.45 -15.45 4.18
C LEU A 36 -8.13 -14.10 4.87
N THR A 37 -6.86 -13.86 5.19
CA THR A 37 -6.48 -12.58 5.81
C THR A 37 -6.91 -11.41 4.92
N SER A 38 -6.75 -11.57 3.61
CA SER A 38 -7.13 -10.52 2.68
C SER A 38 -8.64 -10.28 2.68
N LEU A 39 -9.40 -11.37 2.78
CA LEU A 39 -10.85 -11.27 2.79
C LEU A 39 -11.30 -10.47 3.99
N ARG A 40 -10.71 -10.77 5.14
CA ARG A 40 -11.08 -10.12 6.40
C ARG A 40 -10.67 -8.65 6.38
N ARG A 41 -9.46 -8.38 5.88
CA ARG A 41 -8.99 -7.01 5.74
C ARG A 41 -9.94 -6.22 4.85
N HIS A 42 -10.32 -6.85 3.74
CA HIS A 42 -11.27 -6.25 2.82
C HIS A 42 -12.67 -6.08 3.43
N PHE A 43 -13.11 -7.06 4.21
CA PHE A 43 -14.51 -7.07 4.62
C PHE A 43 -14.86 -5.88 5.51
N ASN A 44 -13.85 -5.27 6.13
CA ASN A 44 -14.10 -4.13 7.00
C ASN A 44 -14.77 -2.99 6.25
N ILE A 45 -14.52 -2.93 4.94
CA ILE A 45 -15.15 -1.95 4.07
C ILE A 45 -16.67 -2.08 4.11
N HIS A 46 -17.14 -3.31 4.20
CA HIS A 46 -18.57 -3.58 4.34
C HIS A 46 -19.07 -3.38 5.78
N SER A 47 -18.39 -3.98 6.74
CA SER A 47 -18.86 -4.02 8.13
C SER A 47 -18.55 -2.76 8.94
N TRP A 48 -17.42 -2.12 8.63
CA TRP A 48 -16.90 -1.00 9.41
C TRP A 48 -16.81 -1.34 10.90
N GLU A 49 -16.51 -2.62 11.20
CA GLU A 49 -16.27 -3.03 12.57
C GLU A 49 -15.13 -2.23 13.18
N LYS A 50 -14.09 -2.01 12.36
CA LYS A 50 -12.97 -1.20 12.79
C LYS A 50 -12.93 0.10 12.00
N LYS A 51 -12.59 1.18 12.69
CA LYS A 51 -12.44 2.46 12.04
C LYS A 51 -11.00 2.90 12.21
N TYR A 52 -10.44 3.53 11.18
CA TYR A 52 -9.06 4.01 11.22
C TYR A 52 -9.02 5.52 10.99
N PRO A 53 -9.20 6.30 12.06
CA PRO A 53 -9.32 7.76 11.92
C PRO A 53 -7.97 8.42 11.70
N CYS A 54 -7.91 9.38 10.79
CA CYS A 54 -6.70 10.19 10.62
C CYS A 54 -6.42 10.95 11.91
N ARG A 55 -5.15 11.09 12.30
CA ARG A 55 -4.87 11.76 13.57
C ARG A 55 -4.72 13.27 13.40
N TYR A 56 -4.76 13.76 12.16
CA TYR A 56 -4.49 15.17 11.87
C TYR A 56 -5.71 15.88 11.31
N CYS A 57 -6.60 15.12 10.70
CA CYS A 57 -7.89 15.64 10.30
C CYS A 57 -8.82 14.53 10.75
N GLU A 58 -10.11 14.62 10.47
CA GLU A 58 -10.91 13.50 10.93
C GLU A 58 -11.55 12.75 9.77
N LYS A 59 -10.78 12.55 8.70
CA LYS A 59 -11.14 11.53 7.72
C LYS A 59 -10.99 10.17 8.41
N VAL A 60 -11.80 9.20 7.99
CA VAL A 60 -11.77 7.88 8.61
C VAL A 60 -11.63 6.83 7.51
N PHE A 61 -10.76 5.85 7.72
CA PHE A 61 -10.46 4.85 6.69
C PHE A 61 -10.83 3.45 7.13
N PRO A 62 -11.19 2.58 6.18
CA PRO A 62 -11.59 1.19 6.43
C PRO A 62 -10.42 0.21 6.54
N LEU A 63 -9.23 0.66 6.12
CA LEU A 63 -8.00 -0.12 6.21
C LEU A 63 -6.92 0.71 6.90
N ALA A 64 -6.15 0.07 7.76
CA ALA A 64 -5.12 0.78 8.52
C ALA A 64 -4.09 1.38 7.58
N GLU A 65 -3.80 0.69 6.48
CA GLU A 65 -2.72 1.14 5.61
C GLU A 65 -3.14 2.35 4.79
N TYR A 66 -4.42 2.43 4.45
CA TYR A 66 -4.97 3.62 3.79
C TYR A 66 -4.79 4.84 4.71
N ARG A 67 -5.13 4.67 5.98
CA ARG A 67 -4.92 5.75 6.94
C ARG A 67 -3.45 6.20 7.01
N THR A 68 -2.55 5.23 7.08
CA THR A 68 -1.12 5.56 7.22
C THR A 68 -0.60 6.32 6.01
N LYS A 69 -0.97 5.88 4.81
CA LYS A 69 -0.56 6.59 3.60
C LYS A 69 -1.06 8.03 3.60
N HIS A 70 -2.29 8.21 4.05
CA HIS A 70 -2.88 9.52 4.19
C HIS A 70 -2.17 10.41 5.21
N GLU A 71 -1.80 9.84 6.35
CA GLU A 71 -1.16 10.61 7.40
C GLU A 71 0.19 11.11 6.96
N ILE A 72 0.88 10.32 6.12
CA ILE A 72 2.17 10.78 5.61
C ILE A 72 2.00 12.02 4.74
N HIS A 73 0.88 12.12 4.03
N HIS A 73 0.87 12.13 4.04
CA HIS A 73 0.58 13.34 3.26
CA HIS A 73 0.58 13.33 3.26
C HIS A 73 0.50 14.57 4.18
C HIS A 73 0.45 14.58 4.16
N HIS A 74 -0.05 14.40 5.38
CA HIS A 74 -0.07 15.51 6.35
C HIS A 74 1.33 15.99 6.75
N THR A 75 2.23 15.07 7.03
CA THR A 75 3.54 15.47 7.55
C THR A 75 4.44 16.01 6.45
N GLY A 76 4.20 15.62 5.20
CA GLY A 76 5.05 16.09 4.12
C GLY A 76 6.37 15.37 3.99
N GLU A 77 6.56 14.31 4.78
CA GLU A 77 7.78 13.52 4.67
C GLU A 77 8.01 12.95 3.27
N ARG A 78 9.26 12.98 2.80
CA ARG A 78 9.55 12.45 1.48
C ARG A 78 10.41 11.19 1.60
N ARG A 79 9.77 10.03 1.70
CA ARG A 79 10.51 8.81 2.01
C ARG A 79 11.20 8.15 0.81
N TYR A 80 10.76 8.49 -0.39
CA TYR A 80 11.23 7.78 -1.57
C TYR A 80 12.30 8.58 -2.28
N GLN A 81 13.50 8.03 -2.41
CA GLN A 81 14.56 8.83 -3.01
C GLN A 81 15.12 8.17 -4.25
N CYS A 82 15.12 8.93 -5.34
CA CYS A 82 15.77 8.49 -6.57
C CYS A 82 17.29 8.38 -6.39
N LEU A 83 17.84 7.21 -6.65
CA LEU A 83 19.27 7.02 -6.43
C LEU A 83 20.08 7.58 -7.59
N ALA A 84 19.43 7.83 -8.72
CA ALA A 84 20.13 8.37 -9.87
C ALA A 84 20.48 9.85 -9.68
N CYS A 85 19.58 10.65 -9.10
CA CYS A 85 19.79 12.09 -8.99
C CYS A 85 19.56 12.69 -7.60
N GLY A 86 19.10 11.88 -6.65
CA GLY A 86 18.87 12.29 -5.27
C GLY A 86 17.54 12.94 -4.91
N LYS A 87 16.71 13.23 -5.92
CA LYS A 87 15.40 13.84 -5.65
C LYS A 87 14.55 12.87 -4.86
N SER A 88 13.73 13.41 -3.97
CA SER A 88 12.90 12.62 -3.07
C SER A 88 11.42 12.88 -3.31
N PHE A 89 10.59 11.89 -2.99
CA PHE A 89 9.18 11.92 -3.37
C PHE A 89 8.38 11.39 -2.21
N ILE A 90 7.13 11.83 -2.14
CA ILE A 90 6.28 11.45 -1.02
C ILE A 90 5.71 10.00 -1.16
N ASN A 91 5.63 9.45 -2.37
CA ASN A 91 5.12 8.09 -2.48
C ASN A 91 5.77 7.35 -3.64
N TYR A 92 5.44 6.07 -3.73
CA TYR A 92 5.97 5.23 -4.80
C TYR A 92 5.65 5.76 -6.18
N GLN A 93 4.41 6.19 -6.38
CA GLN A 93 3.94 6.60 -7.70
C GLN A 93 4.72 7.79 -8.25
N PHE A 94 4.94 8.82 -7.42
CA PHE A 94 5.75 9.96 -7.86
C PHE A 94 7.19 9.55 -8.14
N MET A 95 7.73 8.69 -7.28
CA MET A 95 9.10 8.20 -7.50
C MET A 95 9.16 7.48 -8.84
N SER A 96 8.24 6.56 -9.05
CA SER A 96 8.27 5.73 -10.24
C SER A 96 8.16 6.55 -11.52
N SER A 97 7.19 7.45 -11.52
CA SER A 97 6.93 8.35 -12.64
C SER A 97 8.18 9.17 -12.98
N HIS A 98 8.84 9.67 -11.95
CA HIS A 98 10.09 10.40 -12.12
C HIS A 98 11.17 9.56 -12.78
N ILE A 99 11.39 8.36 -12.25
CA ILE A 99 12.46 7.54 -12.76
C ILE A 99 12.16 7.11 -14.19
N LYS A 100 10.90 6.81 -14.50
CA LYS A 100 10.56 6.44 -15.86
C LYS A 100 10.72 7.61 -16.85
N SER A 101 10.26 8.80 -16.50
CA SER A 101 10.31 9.92 -17.44
C SER A 101 11.68 10.57 -17.50
N VAL A 102 12.31 10.76 -16.35
CA VAL A 102 13.58 11.48 -16.32
C VAL A 102 14.76 10.57 -16.67
N HIS A 103 14.79 9.36 -16.12
CA HIS A 103 15.93 8.46 -16.30
C HIS A 103 15.68 7.30 -17.27
N SER A 104 14.48 7.24 -17.84
CA SER A 104 14.08 6.15 -18.75
C SER A 104 14.41 4.77 -18.22
N GLN A 105 14.07 4.50 -16.96
CA GLN A 105 14.32 3.22 -16.34
C GLN A 105 13.08 2.82 -15.55
N ASP A 106 12.95 1.54 -15.25
CA ASP A 106 11.79 1.04 -14.52
C ASP A 106 12.22 0.52 -13.15
N PRO A 107 11.74 1.16 -12.08
CA PRO A 107 12.17 0.75 -10.73
C PRO A 107 11.64 -0.62 -10.30
N SER A 108 10.71 -1.19 -11.06
N SER A 108 10.69 -1.16 -11.05
CA SER A 108 10.26 -2.55 -10.79
CA SER A 108 9.99 -2.40 -10.66
C SER A 108 11.10 -3.58 -11.54
C SER A 108 10.90 -3.63 -10.67
N GLY A 109 12.15 -3.11 -12.22
N GLY A 109 10.37 -4.75 -10.20
CA GLY A 109 13.06 -4.01 -12.92
CA GLY A 109 11.19 -5.91 -9.91
C GLY A 109 13.96 -4.77 -11.97
C GLY A 109 11.93 -5.57 -8.64
N ASP A 110 15.11 -5.21 -12.46
N ASP A 110 13.12 -6.13 -8.44
CA ASP A 110 15.99 -6.07 -11.69
CA ASP A 110 13.94 -5.67 -7.33
C ASP A 110 17.11 -5.32 -10.97
C ASP A 110 14.59 -4.37 -7.79
N SER A 111 17.08 -3.98 -11.05
N SER A 111 15.60 -4.51 -8.66
CA SER A 111 18.06 -3.16 -10.36
CA SER A 111 16.12 -3.40 -9.45
C SER A 111 17.34 -2.20 -9.41
C SER A 111 16.30 -2.12 -8.66
N LYS A 112 17.98 -1.84 -8.30
N LYS A 112 17.30 -2.05 -7.78
CA LYS A 112 17.32 -0.97 -7.30
CA LYS A 112 17.47 -0.82 -7.02
C LYS A 112 17.69 0.51 -7.50
C LYS A 112 17.67 0.34 -7.98
N LEU A 113 16.71 1.26 -7.97
CA LEU A 113 16.89 2.58 -8.55
C LEU A 113 16.43 3.62 -7.54
N TYR A 114 15.83 3.14 -6.46
CA TYR A 114 15.37 4.05 -5.41
C TYR A 114 15.61 3.44 -4.05
N ARG A 115 15.57 4.32 -3.04
CA ARG A 115 15.72 3.94 -1.67
C ARG A 115 14.45 4.34 -0.93
N LEU A 116 13.92 3.44 -0.10
CA LEU A 116 12.80 3.77 0.77
C LEU A 116 13.33 4.07 2.18
N HIS A 117 13.40 5.34 2.56
CA HIS A 117 13.83 5.68 3.91
C HIS A 117 12.77 5.20 4.91
N PRO A 118 13.21 4.92 6.14
CA PRO A 118 12.29 4.69 7.27
C PRO A 118 11.32 5.84 7.43
N CYS A 119 10.16 5.56 7.98
CA CYS A 119 9.21 6.59 8.29
C CYS A 119 9.63 7.27 9.61
N ARG A 120 9.99 8.55 9.54
CA ARG A 120 10.41 9.24 10.76
C ARG A 120 9.43 10.32 11.19
N SER A 121 8.52 10.72 10.32
CA SER A 121 7.61 11.82 10.67
C SER A 121 6.46 11.35 11.53
N LEU A 122 6.40 10.04 11.72
CA LEU A 122 5.45 9.44 12.64
C LEU A 122 5.90 8.03 12.99
N GLN A 123 5.17 7.39 13.88
CA GLN A 123 5.52 6.06 14.32
C GLN A 123 4.68 4.98 13.63
N ILE A 124 5.31 4.26 12.71
CA ILE A 124 4.79 2.99 12.21
C ILE A 124 5.83 1.91 12.50
N ARG A 125 5.46 0.63 12.43
CA ARG A 125 6.42 -0.44 12.68
C ARG A 125 7.56 -0.38 11.66
N GLN A 126 8.73 -0.88 12.04
CA GLN A 126 9.95 -0.65 11.27
C GLN A 126 10.62 -1.94 10.76
N TYR A 127 11.39 -1.82 9.69
CA TYR A 127 12.07 -2.96 9.07
C TYR A 127 13.59 -2.86 9.21
#